data_6NB8
#
_entry.id   6NB8
#
_cell.length_a   37.823
_cell.length_b   104.406
_cell.length_c   108.710
_cell.angle_alpha   90.00
_cell.angle_beta   90.00
_cell.angle_gamma   90.00
#
_symmetry.space_group_name_H-M   'P 21 21 21'
#
loop_
_entity.id
_entity.type
_entity.pdbx_description
1 polymer 'S230 antigen-binding (Fab) fragment, heavy chain'
2 polymer 'S230 antigen-binding (Fab) fragment, light chain'
3 water water
#
loop_
_entity_poly.entity_id
_entity_poly.type
_entity_poly.pdbx_seq_one_letter_code
_entity_poly.pdbx_strand_id
1 'polypeptide(L)'
;QAQLVESGGALVQPGRSLRLSCAASGFTFRNYAMHWVRQAPATGLQWLAVITSDGRNKFYADSVKGRFTISREDSKNTLY
LQMDSLRGEDTAVYYCVTQRDNSRDYFPHYFHDMDVWGQGTTVAVSSASTKGPSVFPLAPSSKSTSGGTAALGCLVKDYF
PEPVTVSWNSGALTSGVHTFPAVLQSSGLYSLSSVVTVPSSSLGTQTYICNVNHKPSNTKVDKKVEPKSC
;
H
2 'polypeptide(L)'
;DVVLTQSPLSLPVTLGQPASISCRSSQSLVYSDGDTYLNWFQQRPGQSPRRLIYQVSNRDSGVPDRFSGSGSGTDFTLKI
SRVEAEDVGVYYCMQGSHWPPTFGQGTKVEIKRTVAAPSVFIFPPSDEQLKSGTASVVCLLNNFYPREAKVQWKVDNALQ
SGNSQESVTEQDSKDSTYSLSSTLTLSKADYEKHKVYACEVTHQGLSSPVTKSFNRGEC
;
L
#
# COMPACT_ATOMS: atom_id res chain seq x y z
N GLN A 1 2.43 -2.47 -23.61
CA GLN A 1 2.45 -1.51 -22.47
C GLN A 1 1.03 -1.03 -22.15
N ALA A 2 0.07 -1.95 -22.03
CA ALA A 2 -1.29 -1.66 -21.52
C ALA A 2 -1.18 -0.98 -20.15
N GLN A 3 -1.89 0.13 -19.97
CA GLN A 3 -1.89 0.92 -18.72
C GLN A 3 -3.32 1.34 -18.41
N LEU A 4 -3.67 1.32 -17.13
CA LEU A 4 -5.01 1.72 -16.62
C LEU A 4 -4.81 2.71 -15.47
N VAL A 5 -5.52 3.84 -15.48
CA VAL A 5 -5.42 4.86 -14.41
C VAL A 5 -6.82 5.19 -13.91
N GLU A 6 -7.13 4.78 -12.69
CA GLU A 6 -8.43 5.02 -12.05
C GLU A 6 -8.45 6.41 -11.41
N SER A 7 -9.62 7.03 -11.40
N SER A 7 -9.63 7.02 -11.43
CA SER A 7 -9.85 8.28 -10.65
CA SER A 7 -9.92 8.31 -10.76
C SER A 7 -11.27 8.31 -10.11
C SER A 7 -11.26 8.25 -10.05
N GLY A 8 -11.46 9.12 -9.07
CA GLY A 8 -12.80 9.42 -8.54
C GLY A 8 -12.96 9.03 -7.11
N GLY A 9 -12.03 8.25 -6.55
CA GLY A 9 -12.14 7.88 -5.14
C GLY A 9 -12.30 9.10 -4.25
N ALA A 10 -13.16 8.97 -3.25
CA ALA A 10 -13.51 10.05 -2.31
C ALA A 10 -14.26 9.42 -1.12
N LEU A 11 -14.52 10.26 -0.13
CA LEU A 11 -15.44 9.95 0.98
C LEU A 11 -16.86 10.13 0.46
N VAL A 12 -17.70 9.13 0.73
CA VAL A 12 -19.13 9.11 0.34
C VAL A 12 -19.95 8.90 1.60
N GLN A 13 -20.99 9.69 1.84
CA GLN A 13 -21.90 9.43 2.99
C GLN A 13 -22.70 8.16 2.67
N PRO A 14 -23.00 7.31 3.67
CA PRO A 14 -23.81 6.11 3.44
C PRO A 14 -25.13 6.45 2.75
N GLY A 15 -25.44 5.69 1.69
CA GLY A 15 -26.65 5.85 0.87
C GLY A 15 -26.43 6.69 -0.37
N ARG A 16 -25.31 7.39 -0.46
N ARG A 16 -25.30 7.39 -0.46
CA ARG A 16 -25.05 8.33 -1.59
CA ARG A 16 -25.03 8.33 -1.57
C ARG A 16 -24.33 7.56 -2.72
C ARG A 16 -24.33 7.56 -2.72
N SER A 17 -24.05 8.27 -3.81
CA SER A 17 -23.52 7.71 -5.07
C SER A 17 -22.12 8.26 -5.34
N LEU A 18 -21.36 7.55 -6.14
CA LEU A 18 -20.02 8.02 -6.59
C LEU A 18 -19.75 7.36 -7.93
N ARG A 19 -19.18 8.11 -8.86
CA ARG A 19 -18.77 7.54 -10.17
C ARG A 19 -17.25 7.48 -10.21
N LEU A 20 -16.73 6.30 -10.52
CA LEU A 20 -15.29 6.12 -10.79
C LEU A 20 -15.07 6.07 -12.28
N SER A 21 -13.89 6.50 -12.69
N SER A 21 -13.89 6.48 -12.72
CA SER A 21 -13.40 6.48 -14.10
CA SER A 21 -13.48 6.39 -14.14
C SER A 21 -12.13 5.63 -14.15
C SER A 21 -12.09 5.76 -14.21
N CYS A 22 -11.82 5.10 -15.33
CA CYS A 22 -10.55 4.41 -15.62
C CYS A 22 -10.14 4.84 -17.02
N ALA A 23 -9.00 5.51 -17.13
CA ALA A 23 -8.40 5.93 -18.41
C ALA A 23 -7.45 4.82 -18.88
N ALA A 24 -7.72 4.27 -20.06
CA ALA A 24 -6.97 3.16 -20.67
C ALA A 24 -6.00 3.75 -21.68
N SER A 25 -4.80 3.21 -21.75
CA SER A 25 -3.79 3.59 -22.76
C SER A 25 -2.92 2.37 -23.08
N GLY A 26 -2.27 2.42 -24.26
CA GLY A 26 -1.22 1.47 -24.65
C GLY A 26 -1.78 0.21 -25.27
N PHE A 27 -3.10 0.17 -25.52
CA PHE A 27 -3.77 -0.97 -26.17
C PHE A 27 -5.05 -0.49 -26.85
N THR A 28 -5.57 -1.28 -27.78
CA THR A 28 -6.82 -0.92 -28.52
C THR A 28 -8.01 -1.25 -27.63
N PHE A 29 -8.49 -0.25 -26.91
CA PHE A 29 -9.47 -0.37 -25.80
C PHE A 29 -10.71 -1.13 -26.25
N ARG A 30 -11.22 -0.82 -27.46
N ARG A 30 -11.23 -0.84 -27.45
CA ARG A 30 -12.46 -1.38 -28.04
CA ARG A 30 -12.52 -1.43 -27.91
C ARG A 30 -12.37 -2.91 -28.15
C ARG A 30 -12.37 -2.93 -28.19
N ASN A 31 -11.16 -3.48 -28.14
CA ASN A 31 -10.95 -4.93 -28.43
C ASN A 31 -11.02 -5.76 -27.14
N TYR A 32 -11.24 -5.15 -25.97
CA TYR A 32 -11.09 -5.85 -24.67
C TYR A 32 -12.33 -5.68 -23.80
N ALA A 33 -12.76 -6.78 -23.19
CA ALA A 33 -13.67 -6.79 -22.04
C ALA A 33 -12.94 -6.12 -20.87
N MET A 34 -13.67 -5.32 -20.09
CA MET A 34 -13.09 -4.51 -19.00
C MET A 34 -13.83 -4.81 -17.71
N HIS A 35 -13.11 -4.80 -16.60
CA HIS A 35 -13.65 -5.20 -15.28
C HIS A 35 -13.35 -4.13 -14.23
N TRP A 36 -14.12 -4.19 -13.15
CA TRP A 36 -13.77 -3.57 -11.86
C TRP A 36 -13.62 -4.67 -10.82
N VAL A 37 -12.60 -4.52 -9.99
CA VAL A 37 -12.28 -5.44 -8.87
C VAL A 37 -11.97 -4.53 -7.68
N ARG A 38 -12.37 -4.90 -6.45
CA ARG A 38 -12.01 -4.06 -5.29
C ARG A 38 -11.22 -4.91 -4.27
N GLN A 39 -10.59 -4.22 -3.35
CA GLN A 39 -9.78 -4.86 -2.30
C GLN A 39 -10.02 -4.14 -0.97
N ALA A 40 -10.38 -4.91 0.04
CA ALA A 40 -10.52 -4.43 1.44
C ALA A 40 -10.29 -5.60 2.37
N PRO A 41 -9.92 -5.38 3.65
CA PRO A 41 -9.88 -6.46 4.63
C PRO A 41 -11.19 -7.27 4.69
N ALA A 42 -12.36 -6.59 4.66
CA ALA A 42 -13.69 -7.23 4.80
C ALA A 42 -13.98 -8.13 3.59
N THR A 43 -13.63 -7.67 2.38
CA THR A 43 -13.99 -8.34 1.09
C THR A 43 -12.83 -9.23 0.60
N GLY A 44 -11.59 -9.01 1.07
CA GLY A 44 -10.37 -9.40 0.32
C GLY A 44 -10.44 -8.83 -1.09
N LEU A 45 -9.81 -9.49 -2.06
CA LEU A 45 -9.91 -9.15 -3.50
C LEU A 45 -11.23 -9.71 -4.02
N GLN A 46 -12.08 -8.83 -4.56
CA GLN A 46 -13.45 -9.21 -4.95
C GLN A 46 -13.76 -8.59 -6.31
N TRP A 47 -14.00 -9.46 -7.30
CA TRP A 47 -14.45 -9.06 -8.64
C TRP A 47 -15.85 -8.44 -8.53
N LEU A 48 -16.10 -7.37 -9.27
CA LEU A 48 -17.39 -6.65 -9.16
C LEU A 48 -18.19 -6.69 -10.46
N ALA A 49 -17.56 -6.48 -11.62
CA ALA A 49 -18.31 -6.23 -12.86
C ALA A 49 -17.43 -6.40 -14.07
N VAL A 50 -18.05 -6.77 -15.17
CA VAL A 50 -17.38 -6.81 -16.49
C VAL A 50 -18.33 -6.21 -17.51
N ILE A 51 -17.75 -5.59 -18.52
CA ILE A 51 -18.49 -5.18 -19.74
C ILE A 51 -17.75 -5.81 -20.91
N THR A 52 -18.48 -6.35 -21.86
CA THR A 52 -17.90 -6.95 -23.07
C THR A 52 -17.21 -5.88 -23.93
N SER A 53 -16.35 -6.32 -24.82
CA SER A 53 -15.57 -5.45 -25.74
C SER A 53 -16.53 -4.58 -26.55
N ASP A 54 -17.70 -5.12 -26.91
CA ASP A 54 -18.65 -4.39 -27.78
C ASP A 54 -19.67 -3.62 -26.94
N GLY A 55 -19.58 -3.69 -25.61
CA GLY A 55 -20.45 -2.94 -24.70
C GLY A 55 -21.86 -3.49 -24.55
N ARG A 56 -22.19 -4.61 -25.20
N ARG A 56 -22.21 -4.55 -25.26
CA ARG A 56 -23.59 -5.08 -25.34
CA ARG A 56 -23.62 -5.03 -25.30
C ARG A 56 -24.01 -6.03 -24.21
C ARG A 56 -23.99 -5.69 -23.97
N ASN A 57 -23.07 -6.44 -23.35
CA ASN A 57 -23.39 -7.29 -22.18
C ASN A 57 -22.54 -6.87 -20.97
N LYS A 58 -23.17 -6.90 -19.81
CA LYS A 58 -22.57 -6.57 -18.50
C LYS A 58 -22.97 -7.68 -17.53
N PHE A 59 -22.04 -8.03 -16.65
CA PHE A 59 -22.26 -8.98 -15.54
C PHE A 59 -21.72 -8.37 -14.26
N TYR A 60 -22.35 -8.72 -13.15
CA TYR A 60 -22.11 -8.11 -11.83
C TYR A 60 -22.07 -9.18 -10.74
N ALA A 61 -21.26 -8.90 -9.74
CA ALA A 61 -21.21 -9.68 -8.50
C ALA A 61 -22.52 -9.48 -7.73
N ASP A 62 -22.96 -10.51 -7.03
CA ASP A 62 -24.20 -10.48 -6.22
C ASP A 62 -24.21 -9.25 -5.30
N SER A 63 -23.10 -8.98 -4.62
CA SER A 63 -22.97 -7.93 -3.57
C SER A 63 -23.28 -6.54 -4.13
N VAL A 64 -23.13 -6.32 -5.44
CA VAL A 64 -23.28 -4.96 -6.03
C VAL A 64 -24.33 -4.94 -7.15
N LYS A 65 -24.87 -6.09 -7.54
CA LYS A 65 -25.85 -6.15 -8.64
C LYS A 65 -27.09 -5.36 -8.22
N GLY A 66 -27.55 -4.44 -9.07
CA GLY A 66 -28.71 -3.59 -8.75
C GLY A 66 -28.33 -2.27 -8.10
N ARG A 67 -27.05 -2.09 -7.74
CA ARG A 67 -26.53 -0.84 -7.16
C ARG A 67 -25.42 -0.26 -8.05
N PHE A 68 -24.57 -1.10 -8.65
CA PHE A 68 -23.43 -0.59 -9.44
C PHE A 68 -23.73 -0.82 -10.91
N THR A 69 -23.46 0.13 -11.78
N THR A 69 -23.23 0.12 -11.73
CA THR A 69 -23.53 -0.22 -13.22
CA THR A 69 -23.40 0.20 -13.22
C THR A 69 -22.22 0.25 -13.91
C THR A 69 -22.02 0.28 -13.84
N ILE A 70 -21.69 -0.65 -14.73
CA ILE A 70 -20.44 -0.49 -15.52
C ILE A 70 -20.83 0.05 -16.91
N SER A 71 -20.00 0.94 -17.43
CA SER A 71 -20.18 1.48 -18.80
C SER A 71 -18.84 1.83 -19.41
N ARG A 72 -18.81 2.00 -20.72
CA ARG A 72 -17.56 2.34 -21.42
C ARG A 72 -17.87 3.43 -22.45
N GLU A 73 -16.89 4.29 -22.67
N GLU A 73 -16.92 4.32 -22.67
CA GLU A 73 -16.92 5.31 -23.73
CA GLU A 73 -16.96 5.34 -23.75
C GLU A 73 -15.64 5.14 -24.55
C GLU A 73 -15.67 5.17 -24.57
N ASP A 74 -15.73 4.35 -25.63
CA ASP A 74 -14.54 3.97 -26.43
C ASP A 74 -13.86 5.21 -27.02
N SER A 75 -14.61 6.23 -27.43
CA SER A 75 -14.06 7.49 -28.02
C SER A 75 -13.13 8.19 -27.01
N LYS A 76 -13.32 7.96 -25.72
CA LYS A 76 -12.57 8.60 -24.60
C LYS A 76 -11.62 7.58 -23.95
N ASN A 77 -11.56 6.36 -24.46
CA ASN A 77 -10.73 5.26 -23.90
C ASN A 77 -10.98 5.19 -22.39
N THR A 78 -12.24 5.30 -21.98
CA THR A 78 -12.62 5.40 -20.55
C THR A 78 -13.67 4.35 -20.20
N LEU A 79 -13.46 3.70 -19.06
CA LEU A 79 -14.39 2.80 -18.36
C LEU A 79 -14.93 3.54 -17.15
N TYR A 80 -16.20 3.33 -16.82
CA TYR A 80 -16.87 3.97 -15.67
C TYR A 80 -17.45 2.90 -14.77
N LEU A 81 -17.49 3.22 -13.48
CA LEU A 81 -18.30 2.49 -12.49
C LEU A 81 -19.18 3.49 -11.75
N GLN A 82 -20.47 3.46 -12.02
CA GLN A 82 -21.45 4.25 -11.24
C GLN A 82 -21.85 3.42 -10.02
N MET A 83 -21.51 3.90 -8.83
CA MET A 83 -21.84 3.22 -7.57
C MET A 83 -22.98 3.98 -6.90
N ASP A 84 -24.13 3.34 -6.79
CA ASP A 84 -25.30 3.91 -6.11
C ASP A 84 -25.51 3.21 -4.77
N SER A 85 -26.24 3.88 -3.88
CA SER A 85 -26.71 3.30 -2.59
C SER A 85 -25.50 2.69 -1.87
N LEU A 86 -24.45 3.48 -1.73
CA LEU A 86 -23.19 2.98 -1.14
C LEU A 86 -23.37 2.65 0.35
N ARG A 87 -22.63 1.63 0.79
N ARG A 87 -22.68 1.60 0.78
CA ARG A 87 -22.73 1.05 2.14
CA ARG A 87 -22.75 1.06 2.16
C ARG A 87 -21.33 1.03 2.75
C ARG A 87 -21.33 1.07 2.76
N GLY A 88 -21.22 1.03 4.09
CA GLY A 88 -19.92 0.97 4.77
C GLY A 88 -19.02 -0.10 4.18
N GLU A 89 -19.60 -1.27 3.90
CA GLU A 89 -18.84 -2.46 3.42
C GLU A 89 -18.34 -2.27 1.98
N ASP A 90 -18.73 -1.19 1.31
CA ASP A 90 -18.18 -0.87 -0.04
C ASP A 90 -16.87 -0.11 0.09
N THR A 91 -16.43 0.23 1.30
CA THR A 91 -15.13 0.89 1.56
C THR A 91 -14.02 -0.02 1.05
N ALA A 92 -13.23 0.44 0.08
CA ALA A 92 -12.22 -0.43 -0.56
C ALA A 92 -11.35 0.37 -1.51
N VAL A 93 -10.27 -0.25 -1.96
CA VAL A 93 -9.54 0.23 -3.14
C VAL A 93 -10.20 -0.43 -4.35
N TYR A 94 -10.52 0.39 -5.34
CA TYR A 94 -11.19 -0.04 -6.59
C TYR A 94 -10.19 0.00 -7.72
N TYR A 95 -10.09 -1.14 -8.40
CA TYR A 95 -9.17 -1.33 -9.54
C TYR A 95 -9.97 -1.60 -10.81
N CYS A 96 -9.48 -0.98 -11.86
N CYS A 96 -9.60 -0.95 -11.91
CA CYS A 96 -9.78 -1.28 -13.27
CA CYS A 96 -10.07 -1.42 -13.24
C CYS A 96 -8.91 -2.48 -13.69
C CYS A 96 -9.00 -2.40 -13.75
N VAL A 97 -9.48 -3.47 -14.36
CA VAL A 97 -8.70 -4.68 -14.73
C VAL A 97 -9.10 -5.12 -16.13
N THR A 98 -8.14 -5.60 -16.90
CA THR A 98 -8.41 -6.24 -18.20
C THR A 98 -7.38 -7.35 -18.38
N GLN A 99 -7.22 -7.80 -19.62
CA GLN A 99 -6.35 -8.94 -19.93
C GLN A 99 -5.57 -8.63 -21.20
N ARG A 100 -4.37 -9.21 -21.31
CA ARG A 100 -3.58 -9.16 -22.56
C ARG A 100 -4.22 -10.15 -23.58
N ASP A 101 -4.71 -11.29 -23.13
CA ASP A 101 -5.26 -12.36 -24.03
C ASP A 101 -6.76 -12.16 -24.27
N ASN A 102 -7.14 -11.81 -25.50
CA ASN A 102 -8.58 -11.73 -25.90
C ASN A 102 -8.82 -12.72 -27.05
N SER A 103 -8.22 -13.91 -27.00
CA SER A 103 -8.34 -15.05 -27.95
C SER A 103 -9.81 -15.43 -28.12
N ARG A 104 -10.49 -15.68 -27.00
CA ARG A 104 -11.92 -16.11 -26.93
C ARG A 104 -12.67 -14.94 -26.29
N ASP A 105 -13.14 -14.02 -27.13
CA ASP A 105 -13.63 -12.70 -26.63
C ASP A 105 -15.12 -12.81 -26.29
N TYR A 106 -15.46 -13.67 -25.33
CA TYR A 106 -16.86 -13.85 -24.89
C TYR A 106 -16.86 -14.62 -23.58
N PHE A 107 -18.03 -14.64 -22.94
CA PHE A 107 -18.25 -15.34 -21.65
C PHE A 107 -17.87 -16.80 -21.78
N PRO A 108 -17.21 -17.42 -20.77
CA PRO A 108 -16.61 -16.78 -19.60
C PRO A 108 -15.09 -16.53 -19.67
N HIS A 109 -14.55 -16.51 -20.89
CA HIS A 109 -13.09 -16.57 -21.12
C HIS A 109 -12.42 -15.28 -20.64
N TYR A 110 -13.15 -14.16 -20.60
CA TYR A 110 -12.58 -12.88 -20.11
C TYR A 110 -12.48 -12.86 -18.59
N PHE A 111 -12.78 -13.98 -17.90
CA PHE A 111 -12.51 -14.11 -16.45
C PHE A 111 -11.24 -14.89 -16.21
N HIS A 112 -10.59 -15.39 -17.25
CA HIS A 112 -9.49 -16.39 -17.10
C HIS A 112 -8.18 -15.72 -16.71
N ASP A 113 -7.92 -14.50 -17.17
CA ASP A 113 -6.54 -13.96 -17.18
C ASP A 113 -6.36 -12.87 -16.12
N MET A 114 -7.13 -11.80 -16.19
N MET A 114 -7.11 -11.80 -16.29
CA MET A 114 -7.16 -10.73 -15.15
CA MET A 114 -7.19 -10.62 -15.39
C MET A 114 -5.72 -10.25 -14.88
C MET A 114 -5.77 -10.26 -14.94
N ASP A 115 -4.92 -9.95 -15.91
CA ASP A 115 -3.47 -9.72 -15.71
C ASP A 115 -3.06 -8.27 -15.96
N VAL A 116 -3.98 -7.36 -16.27
CA VAL A 116 -3.69 -5.91 -16.44
C VAL A 116 -4.50 -5.14 -15.39
N TRP A 117 -3.79 -4.48 -14.48
CA TRP A 117 -4.42 -3.78 -13.33
C TRP A 117 -4.00 -2.32 -13.33
N GLY A 118 -4.91 -1.45 -12.94
CA GLY A 118 -4.57 -0.06 -12.64
C GLY A 118 -3.89 0.07 -11.28
N GLN A 119 -3.73 1.33 -10.86
N GLN A 119 -3.68 1.30 -10.83
CA GLN A 119 -3.03 1.73 -9.61
CA GLN A 119 -3.01 1.60 -9.54
C GLN A 119 -4.03 1.72 -8.44
C GLN A 119 -4.03 1.60 -8.41
N GLY A 120 -5.32 1.76 -8.73
CA GLY A 120 -6.39 1.75 -7.73
C GLY A 120 -6.81 3.17 -7.34
N THR A 121 -8.05 3.31 -6.90
CA THR A 121 -8.60 4.57 -6.34
C THR A 121 -9.39 4.18 -5.11
N THR A 122 -9.22 4.93 -4.03
CA THR A 122 -9.76 4.57 -2.70
C THR A 122 -11.13 5.20 -2.51
N VAL A 123 -12.10 4.39 -2.13
CA VAL A 123 -13.48 4.83 -1.78
C VAL A 123 -13.71 4.55 -0.30
N ALA A 124 -14.07 5.58 0.45
CA ALA A 124 -14.44 5.46 1.87
C ALA A 124 -15.91 5.81 2.00
N VAL A 125 -16.68 4.93 2.63
CA VAL A 125 -18.13 5.16 2.88
C VAL A 125 -18.31 5.28 4.39
N SER A 126 -18.53 6.49 4.88
CA SER A 126 -18.68 6.74 6.34
C SER A 126 -19.41 8.07 6.55
N SER A 127 -20.10 8.15 7.68
CA SER A 127 -20.67 9.39 8.24
CA SER A 127 -20.68 9.40 8.23
C SER A 127 -19.55 10.16 8.93
N ALA A 128 -18.81 10.93 8.16
CA ALA A 128 -17.65 11.71 8.61
C ALA A 128 -17.44 12.81 7.58
N SER A 129 -16.48 13.70 7.82
N SER A 129 -16.50 13.71 7.83
CA SER A 129 -16.17 14.86 6.96
CA SER A 129 -16.19 14.87 6.94
C SER A 129 -14.82 14.67 6.28
C SER A 129 -14.82 14.69 6.29
N THR A 130 -14.70 15.13 5.05
CA THR A 130 -13.42 15.20 4.32
C THR A 130 -12.61 16.32 4.96
N LYS A 131 -11.33 16.08 5.21
CA LYS A 131 -10.41 17.10 5.73
C LYS A 131 -9.05 16.94 5.05
N GLY A 132 -8.54 18.04 4.49
CA GLY A 132 -7.21 18.07 3.87
C GLY A 132 -6.13 18.09 4.95
N PRO A 133 -4.93 17.59 4.66
CA PRO A 133 -3.86 17.60 5.64
C PRO A 133 -3.21 18.97 5.85
N SER A 134 -2.68 19.16 7.05
CA SER A 134 -1.59 20.10 7.34
C SER A 134 -0.27 19.37 7.07
N VAL A 135 0.68 20.05 6.43
CA VAL A 135 2.00 19.45 6.12
C VAL A 135 3.08 20.27 6.83
N PHE A 136 3.86 19.61 7.68
CA PHE A 136 4.90 20.25 8.50
C PHE A 136 6.24 19.60 8.20
N PRO A 137 7.33 20.39 8.19
CA PRO A 137 8.65 19.83 7.98
C PRO A 137 9.09 19.02 9.22
N LEU A 138 9.77 17.91 8.96
CA LEU A 138 10.63 17.20 9.94
C LEU A 138 12.05 17.64 9.60
N ALA A 139 12.49 18.71 10.26
CA ALA A 139 13.71 19.44 9.89
C ALA A 139 14.90 18.60 10.30
N PRO A 140 15.87 18.38 9.39
CA PRO A 140 17.11 17.69 9.72
C PRO A 140 17.99 18.58 10.60
N SER A 141 18.77 17.93 11.45
CA SER A 141 19.68 18.59 12.39
C SER A 141 20.71 17.56 12.85
N SER A 142 21.58 17.95 13.76
CA SER A 142 22.51 16.97 14.39
C SER A 142 21.70 15.87 15.07
N LYS A 143 20.47 16.16 15.47
CA LYS A 143 19.62 15.22 16.23
C LYS A 143 18.98 14.18 15.30
N SER A 144 19.04 14.42 14.00
CA SER A 144 18.60 13.45 12.95
C SER A 144 19.80 13.09 12.08
N THR A 145 20.98 13.06 12.68
CA THR A 145 22.22 12.57 12.04
C THR A 145 22.74 11.39 12.86
N SER A 146 23.07 10.30 12.18
CA SER A 146 23.61 9.06 12.80
C SER A 146 24.71 8.51 11.89
N GLY A 147 25.97 8.66 12.30
CA GLY A 147 27.10 8.19 11.50
C GLY A 147 27.10 8.84 10.13
N GLY A 148 27.00 8.04 9.08
CA GLY A 148 27.11 8.54 7.70
C GLY A 148 25.77 8.97 7.12
N THR A 149 24.71 8.96 7.93
N THR A 149 24.66 8.87 7.86
CA THR A 149 23.32 9.16 7.46
CA THR A 149 23.31 9.17 7.32
C THR A 149 22.64 10.32 8.21
C THR A 149 22.57 10.21 8.17
N ALA A 150 21.83 11.10 7.50
CA ALA A 150 20.92 12.08 8.12
C ALA A 150 19.51 11.77 7.64
N ALA A 151 18.50 12.11 8.44
CA ALA A 151 17.09 11.94 8.02
C ALA A 151 16.39 13.29 8.06
N LEU A 152 15.43 13.42 7.17
CA LEU A 152 14.51 14.57 7.09
C LEU A 152 13.18 14.04 6.59
N GLY A 153 12.15 14.85 6.71
CA GLY A 153 10.84 14.37 6.24
C GLY A 153 9.78 15.44 6.30
N CYS A 154 8.56 14.98 6.14
CA CYS A 154 7.32 15.79 6.23
C CYS A 154 6.33 15.00 7.05
N LEU A 155 5.66 15.70 7.95
CA LEU A 155 4.54 15.19 8.75
C LEU A 155 3.26 15.66 8.06
N VAL A 156 2.42 14.71 7.70
CA VAL A 156 1.15 14.93 6.95
C VAL A 156 0.03 14.61 7.94
N LYS A 157 -0.50 15.65 8.57
CA LYS A 157 -1.31 15.50 9.81
C LYS A 157 -2.75 15.89 9.58
N ASP A 158 -3.66 15.14 10.20
CA ASP A 158 -5.07 15.52 10.42
C ASP A 158 -5.83 15.56 9.09
N TYR A 159 -5.87 14.43 8.38
CA TYR A 159 -6.61 14.31 7.11
C TYR A 159 -7.61 13.15 7.19
N PHE A 160 -8.61 13.22 6.34
CA PHE A 160 -9.62 12.15 6.22
C PHE A 160 -10.30 12.30 4.86
N PRO A 161 -10.58 11.21 4.11
CA PRO A 161 -10.19 9.84 4.42
C PRO A 161 -8.78 9.58 3.87
N GLU A 162 -8.35 8.32 3.86
CA GLU A 162 -7.17 7.90 3.07
C GLU A 162 -7.49 8.03 1.59
N PRO A 163 -6.47 8.09 0.70
CA PRO A 163 -5.07 8.16 1.08
C PRO A 163 -4.35 9.47 0.71
N VAL A 164 -3.11 9.60 1.19
CA VAL A 164 -2.19 10.66 0.72
C VAL A 164 -1.04 9.99 -0.03
N THR A 165 -0.47 10.69 -0.99
CA THR A 165 0.80 10.32 -1.64
C THR A 165 1.81 11.41 -1.36
N VAL A 166 3.08 11.01 -1.26
CA VAL A 166 4.21 11.94 -1.04
C VAL A 166 5.29 11.56 -2.05
N SER A 167 5.73 12.55 -2.81
CA SER A 167 6.97 12.45 -3.59
C SER A 167 7.98 13.44 -2.98
N TRP A 168 9.23 13.30 -3.38
CA TRP A 168 10.34 14.17 -2.91
C TRP A 168 11.05 14.77 -4.12
N ASN A 169 11.14 16.10 -4.14
CA ASN A 169 11.79 16.85 -5.24
C ASN A 169 11.17 16.40 -6.56
N SER A 170 9.84 16.29 -6.59
CA SER A 170 9.04 15.87 -7.77
C SER A 170 9.58 14.57 -8.37
N GLY A 171 10.03 13.63 -7.54
CA GLY A 171 10.42 12.27 -7.99
C GLY A 171 11.91 12.15 -8.28
N ALA A 172 12.70 13.22 -8.18
CA ALA A 172 14.18 13.19 -8.36
C ALA A 172 14.83 12.42 -7.21
N LEU A 173 14.17 12.36 -6.06
CA LEU A 173 14.69 11.67 -4.85
C LEU A 173 13.75 10.51 -4.50
N THR A 174 14.22 9.27 -4.68
CA THR A 174 13.44 8.01 -4.45
C THR A 174 14.17 7.07 -3.49
N SER A 175 15.50 6.99 -3.64
N SER A 175 15.50 6.99 -3.63
CA SER A 175 16.41 6.19 -2.77
CA SER A 175 16.38 6.15 -2.77
C SER A 175 16.25 6.65 -1.32
C SER A 175 16.27 6.64 -1.32
N GLY A 176 15.98 5.72 -0.40
CA GLY A 176 15.94 6.00 1.05
C GLY A 176 14.64 6.63 1.51
N VAL A 177 13.63 6.71 0.65
CA VAL A 177 12.30 7.25 1.07
C VAL A 177 11.52 6.14 1.77
N HIS A 178 10.94 6.46 2.93
CA HIS A 178 9.94 5.61 3.61
C HIS A 178 8.73 6.47 3.90
N THR A 179 7.61 6.17 3.25
CA THR A 179 6.32 6.80 3.60
C THR A 179 5.58 5.80 4.48
N PHE A 180 5.33 6.18 5.71
CA PHE A 180 4.78 5.28 6.74
C PHE A 180 3.31 5.06 6.49
N PRO A 181 2.78 3.87 6.85
CA PRO A 181 1.34 3.69 6.94
C PRO A 181 0.73 4.77 7.84
N ALA A 182 -0.42 5.24 7.41
CA ALA A 182 -1.22 6.21 8.18
C ALA A 182 -1.68 5.52 9.45
N VAL A 183 -1.75 6.30 10.52
CA VAL A 183 -2.38 5.85 11.79
C VAL A 183 -3.57 6.77 12.07
N LEU A 184 -4.66 6.17 12.51
CA LEU A 184 -5.88 6.91 12.91
C LEU A 184 -5.66 7.46 14.32
N GLN A 185 -5.74 8.78 14.47
CA GLN A 185 -5.56 9.47 15.76
C GLN A 185 -6.86 9.38 16.55
N SER A 186 -6.82 9.72 17.84
CA SER A 186 -8.00 9.74 18.76
C SER A 186 -9.07 10.72 18.22
N SER A 187 -8.67 11.69 17.39
CA SER A 187 -9.57 12.69 16.77
C SER A 187 -10.41 12.07 15.64
N GLY A 188 -10.05 10.88 15.16
CA GLY A 188 -10.67 10.23 13.99
C GLY A 188 -10.05 10.73 12.69
N LEU A 189 -8.93 11.44 12.77
CA LEU A 189 -8.18 11.91 11.58
C LEU A 189 -6.88 11.11 11.46
N TYR A 190 -6.42 10.86 10.24
CA TYR A 190 -5.15 10.16 9.95
C TYR A 190 -3.98 11.13 10.06
N SER A 191 -2.82 10.55 10.36
CA SER A 191 -1.52 11.25 10.31
C SER A 191 -0.48 10.26 9.80
N LEU A 192 0.43 10.70 8.95
CA LEU A 192 1.63 9.89 8.63
C LEU A 192 2.83 10.81 8.43
N SER A 193 4.00 10.22 8.48
N SER A 193 3.98 10.18 8.44
CA SER A 193 5.25 10.89 8.10
CA SER A 193 5.28 10.80 8.12
C SER A 193 5.82 10.20 6.86
C SER A 193 5.80 10.19 6.84
N SER A 194 6.51 10.99 6.05
CA SER A 194 7.36 10.50 4.94
C SER A 194 8.75 11.01 5.23
N VAL A 195 9.70 10.09 5.25
CA VAL A 195 11.10 10.43 5.60
C VAL A 195 12.01 10.04 4.45
N VAL A 196 13.16 10.68 4.38
N VAL A 196 13.14 10.73 4.38
CA VAL A 196 14.19 10.24 3.43
CA VAL A 196 14.24 10.46 3.42
C VAL A 196 15.54 10.37 4.12
C VAL A 196 15.52 10.32 4.24
N THR A 197 16.40 9.37 3.89
CA THR A 197 17.77 9.35 4.43
C THR A 197 18.69 9.86 3.33
N VAL A 198 19.66 10.66 3.74
CA VAL A 198 20.63 11.32 2.85
C VAL A 198 21.99 11.20 3.51
N PRO A 199 23.09 11.44 2.77
CA PRO A 199 24.41 11.46 3.39
C PRO A 199 24.45 12.54 4.49
N SER A 200 25.05 12.21 5.63
CA SER A 200 25.14 13.14 6.80
C SER A 200 25.76 14.47 6.35
N SER A 201 26.75 14.43 5.44
CA SER A 201 27.54 15.61 5.00
C SER A 201 26.69 16.53 4.12
N SER A 202 25.55 16.05 3.59
CA SER A 202 24.74 16.79 2.58
C SER A 202 23.95 17.93 3.22
N LEU A 203 23.68 17.88 4.52
CA LEU A 203 22.82 18.89 5.20
C LEU A 203 23.43 20.28 4.99
N GLY A 204 22.62 21.22 4.51
CA GLY A 204 23.03 22.63 4.31
C GLY A 204 23.52 22.91 2.90
N THR A 205 23.54 21.92 2.00
CA THR A 205 23.92 22.12 0.58
C THR A 205 22.74 21.84 -0.37
N GLN A 206 21.65 21.22 0.10
CA GLN A 206 20.58 20.71 -0.80
C GLN A 206 19.20 21.23 -0.36
N THR A 207 18.33 21.44 -1.35
CA THR A 207 16.91 21.84 -1.22
C THR A 207 16.06 20.56 -1.18
N TYR A 208 15.22 20.39 -0.16
CA TYR A 208 14.29 19.23 -0.09
C TYR A 208 12.86 19.75 -0.04
N ILE A 209 12.04 19.27 -0.97
CA ILE A 209 10.61 19.63 -1.05
C ILE A 209 9.80 18.34 -1.07
N CYS A 210 8.87 18.18 -0.14
CA CYS A 210 7.90 17.06 -0.19
C CYS A 210 6.66 17.56 -0.93
N ASN A 211 6.22 16.77 -1.90
CA ASN A 211 5.02 17.03 -2.74
C ASN A 211 3.92 16.13 -2.23
N VAL A 212 2.94 16.70 -1.52
CA VAL A 212 1.85 15.93 -0.86
C VAL A 212 0.58 16.11 -1.68
N ASN A 213 -0.13 15.02 -1.94
N ASN A 213 -0.07 14.99 -1.99
CA ASN A 213 -1.42 15.03 -2.69
CA ASN A 213 -1.40 14.91 -2.65
C ASN A 213 -2.47 14.25 -1.89
C ASN A 213 -2.39 14.29 -1.66
N HIS A 214 -3.54 14.93 -1.48
CA HIS A 214 -4.74 14.35 -0.83
C HIS A 214 -5.91 14.51 -1.79
N LYS A 215 -6.05 13.57 -2.71
CA LYS A 215 -7.05 13.65 -3.80
C LYS A 215 -8.45 13.82 -3.23
N PRO A 216 -8.85 13.14 -2.13
CA PRO A 216 -10.22 13.26 -1.64
C PRO A 216 -10.66 14.67 -1.24
N SER A 217 -9.74 15.53 -0.81
CA SER A 217 -9.99 16.94 -0.45
C SER A 217 -9.50 17.86 -1.57
N ASN A 218 -8.95 17.30 -2.64
CA ASN A 218 -8.34 18.06 -3.75
C ASN A 218 -7.31 19.03 -3.16
N THR A 219 -6.48 18.53 -2.23
CA THR A 219 -5.39 19.29 -1.57
C THR A 219 -4.06 18.86 -2.20
N LYS A 220 -3.24 19.83 -2.56
CA LYS A 220 -1.83 19.63 -2.95
C LYS A 220 -0.99 20.63 -2.17
N VAL A 221 0.10 20.18 -1.58
CA VAL A 221 1.02 21.02 -0.78
C VAL A 221 2.44 20.63 -1.20
N ASP A 222 3.25 21.63 -1.56
CA ASP A 222 4.72 21.49 -1.65
C ASP A 222 5.31 22.16 -0.42
N LYS A 223 6.05 21.41 0.39
CA LYS A 223 6.61 21.95 1.63
C LYS A 223 8.12 21.83 1.57
N LYS A 224 8.80 22.98 1.64
N LYS A 224 8.81 22.97 1.65
CA LYS A 224 10.27 23.07 1.76
CA LYS A 224 10.30 23.01 1.71
C LYS A 224 10.68 22.54 3.14
C LYS A 224 10.71 22.57 3.12
N VAL A 225 11.71 21.70 3.17
CA VAL A 225 12.25 21.15 4.44
C VAL A 225 13.68 21.66 4.58
N GLU A 226 13.87 22.57 5.54
CA GLU A 226 15.17 23.24 5.80
C GLU A 226 15.74 22.75 7.12
N PRO A 227 17.08 22.59 7.19
CA PRO A 227 17.72 22.18 8.44
C PRO A 227 17.45 23.16 9.60
N LYS A 228 17.47 22.64 10.83
CA LYS A 228 17.57 23.44 12.06
C LYS A 228 19.05 23.45 12.45
N SER A 229 19.62 24.65 12.63
CA SER A 229 21.03 24.82 13.05
C SER A 229 21.13 24.45 14.53
N CYS A 230 21.20 23.15 14.77
CA CYS A 230 21.39 22.51 16.09
C CYS A 230 21.80 21.05 15.86
N ASP B 1 -20.22 -18.95 -4.53
CA ASP B 1 -19.06 -18.78 -5.43
C ASP B 1 -17.99 -19.81 -5.05
N VAL B 2 -16.97 -19.97 -5.88
CA VAL B 2 -15.84 -20.87 -5.54
C VAL B 2 -15.01 -20.21 -4.44
N VAL B 3 -14.73 -20.96 -3.40
CA VAL B 3 -13.91 -20.50 -2.26
C VAL B 3 -12.51 -21.09 -2.42
N LEU B 4 -11.51 -20.22 -2.38
CA LEU B 4 -10.08 -20.63 -2.39
C LEU B 4 -9.50 -20.37 -1.00
N THR B 5 -8.90 -21.41 -0.43
N THR B 5 -8.93 -21.40 -0.38
CA THR B 5 -8.30 -21.39 0.92
CA THR B 5 -8.31 -21.33 0.97
C THR B 5 -6.78 -21.50 0.76
C THR B 5 -6.79 -21.52 0.85
N GLN B 6 -6.03 -20.49 1.19
CA GLN B 6 -4.55 -20.50 1.16
C GLN B 6 -4.01 -20.92 2.51
N SER B 7 -2.87 -21.60 2.48
CA SER B 7 -2.14 -22.04 3.68
C SER B 7 -0.66 -22.02 3.39
N PRO B 8 0.19 -21.45 4.26
CA PRO B 8 -0.23 -20.72 5.46
C PRO B 8 -0.67 -19.29 5.07
N LEU B 9 -1.19 -18.52 6.03
CA LEU B 9 -1.56 -17.10 5.76
C LEU B 9 -0.35 -16.19 6.00
N SER B 10 0.58 -16.62 6.86
N SER B 10 0.58 -16.62 6.86
CA SER B 10 1.86 -15.93 7.12
CA SER B 10 1.86 -15.91 7.14
C SER B 10 3.00 -16.92 6.88
C SER B 10 3.02 -16.90 6.93
N LEU B 11 3.98 -16.53 6.09
CA LEU B 11 5.08 -17.44 5.66
C LEU B 11 6.41 -16.73 5.85
N PRO B 12 7.00 -16.84 7.06
CA PRO B 12 8.35 -16.35 7.30
C PRO B 12 9.31 -17.33 6.61
N VAL B 13 10.25 -16.79 5.82
N VAL B 13 10.21 -16.78 5.78
CA VAL B 13 11.22 -17.63 5.05
CA VAL B 13 11.22 -17.55 4.98
C VAL B 13 12.58 -16.94 5.05
C VAL B 13 12.59 -16.89 5.17
N THR B 14 13.63 -17.69 5.39
CA THR B 14 15.02 -17.19 5.37
C THR B 14 15.38 -16.81 3.93
N LEU B 15 16.05 -15.67 3.78
CA LEU B 15 16.61 -15.24 2.47
C LEU B 15 17.33 -16.43 1.84
N GLY B 16 16.99 -16.77 0.60
CA GLY B 16 17.67 -17.80 -0.21
C GLY B 16 17.09 -19.21 -0.02
N GLN B 17 16.13 -19.39 0.89
CA GLN B 17 15.49 -20.70 1.15
C GLN B 17 14.20 -20.81 0.34
N PRO B 18 13.71 -22.04 0.12
CA PRO B 18 12.49 -22.25 -0.64
C PRO B 18 11.25 -21.85 0.16
N ALA B 19 10.19 -21.51 -0.56
CA ALA B 19 8.87 -21.21 0.00
C ALA B 19 7.82 -21.98 -0.82
N SER B 20 6.78 -22.42 -0.14
CA SER B 20 5.65 -23.18 -0.72
C SER B 20 4.36 -22.61 -0.18
N ILE B 21 3.42 -22.28 -1.07
CA ILE B 21 2.08 -21.79 -0.68
C ILE B 21 1.03 -22.72 -1.29
N SER B 22 0.08 -23.15 -0.46
CA SER B 22 -1.05 -24.05 -0.83
C SER B 22 -2.28 -23.21 -1.15
N CYS B 23 -2.98 -23.59 -2.21
CA CYS B 23 -4.31 -23.05 -2.55
C CYS B 23 -5.23 -24.25 -2.76
N ARG B 24 -6.28 -24.36 -1.96
CA ARG B 24 -7.29 -25.42 -2.07
C ARG B 24 -8.62 -24.79 -2.47
N SER B 25 -9.31 -25.40 -3.44
N SER B 25 -9.30 -25.42 -3.42
CA SER B 25 -10.60 -24.89 -3.97
CA SER B 25 -10.59 -24.95 -3.97
C SER B 25 -11.76 -25.76 -3.48
C SER B 25 -11.75 -25.76 -3.39
N SER B 26 -12.93 -25.14 -3.32
CA SER B 26 -14.18 -25.79 -2.85
C SER B 26 -14.70 -26.76 -3.92
N GLN B 27 -14.28 -26.61 -5.18
CA GLN B 27 -14.69 -27.53 -6.28
C GLN B 27 -13.54 -27.61 -7.28
N SER B 28 -13.55 -28.66 -8.09
CA SER B 28 -12.56 -28.84 -9.16
C SER B 28 -12.49 -27.58 -10.02
N LEU B 29 -11.29 -27.12 -10.34
CA LEU B 29 -11.09 -25.94 -11.20
C LEU B 29 -10.93 -26.34 -12.65
N VAL B 30 -11.18 -27.61 -12.98
CA VAL B 30 -11.21 -28.02 -14.41
C VAL B 30 -12.47 -27.42 -15.02
N TYR B 31 -12.32 -26.63 -16.07
CA TYR B 31 -13.43 -26.02 -16.83
C TYR B 31 -13.85 -26.99 -17.95
N SER B 32 -14.96 -26.72 -18.64
N SER B 32 -14.95 -26.65 -18.64
CA SER B 32 -15.57 -27.65 -19.62
CA SER B 32 -15.65 -27.47 -19.68
C SER B 32 -14.72 -27.74 -20.89
C SER B 32 -14.83 -27.60 -20.96
N ASP B 33 -13.70 -26.91 -21.05
CA ASP B 33 -12.72 -27.05 -22.15
C ASP B 33 -11.57 -27.98 -21.72
N GLY B 34 -11.63 -28.53 -20.50
CA GLY B 34 -10.62 -29.45 -19.94
C GLY B 34 -9.39 -28.72 -19.38
N ASP B 35 -9.36 -27.39 -19.45
CA ASP B 35 -8.27 -26.54 -18.93
C ASP B 35 -8.60 -26.07 -17.52
N THR B 36 -7.58 -25.66 -16.78
CA THR B 36 -7.68 -25.27 -15.36
C THR B 36 -7.17 -23.84 -15.20
N TYR B 37 -8.05 -22.89 -14.93
CA TYR B 37 -7.73 -21.46 -14.94
C TYR B 37 -7.43 -21.01 -13.51
N LEU B 38 -6.28 -21.45 -13.01
CA LEU B 38 -5.77 -21.13 -11.66
C LEU B 38 -4.51 -20.28 -11.85
N ASN B 39 -4.53 -19.07 -11.33
CA ASN B 39 -3.43 -18.10 -11.48
C ASN B 39 -2.87 -17.78 -10.11
N TRP B 40 -1.63 -17.30 -10.11
CA TRP B 40 -0.96 -16.75 -8.91
C TRP B 40 -0.52 -15.32 -9.17
N PHE B 41 -0.76 -14.48 -8.17
CA PHE B 41 -0.40 -13.05 -8.20
C PHE B 41 0.48 -12.71 -7.00
N GLN B 42 1.21 -11.61 -7.24
N GLN B 42 1.53 -11.92 -7.14
CA GLN B 42 2.29 -11.00 -6.41
CA GLN B 42 2.10 -11.26 -5.92
C GLN B 42 1.82 -9.58 -6.04
C GLN B 42 1.62 -9.80 -5.96
N GLN B 43 1.50 -9.24 -4.77
CA GLN B 43 1.16 -7.83 -4.50
C GLN B 43 2.16 -7.24 -3.48
N ARG B 44 2.81 -6.17 -3.88
CA ARG B 44 3.62 -5.29 -3.00
C ARG B 44 2.73 -4.18 -2.42
N PRO B 45 3.08 -3.64 -1.23
CA PRO B 45 2.28 -2.60 -0.57
C PRO B 45 2.12 -1.37 -1.44
N GLY B 46 0.90 -0.81 -1.47
CA GLY B 46 0.55 0.36 -2.30
C GLY B 46 0.64 0.04 -3.77
N GLN B 47 0.93 -1.21 -4.13
CA GLN B 47 1.02 -1.66 -5.55
C GLN B 47 -0.17 -2.56 -5.85
N SER B 48 -0.52 -2.67 -7.13
N SER B 48 -0.48 -2.69 -7.14
CA SER B 48 -1.59 -3.58 -7.59
CA SER B 48 -1.55 -3.55 -7.66
C SER B 48 -1.02 -4.99 -7.70
C SER B 48 -1.02 -4.99 -7.72
N PRO B 49 -1.89 -6.01 -7.71
CA PRO B 49 -1.44 -7.38 -7.95
C PRO B 49 -0.79 -7.46 -9.34
N ARG B 50 0.19 -8.33 -9.42
CA ARG B 50 0.99 -8.63 -10.64
C ARG B 50 0.92 -10.14 -10.83
N ARG B 51 0.43 -10.56 -11.99
CA ARG B 51 0.31 -12.01 -12.26
C ARG B 51 1.71 -12.60 -12.48
N LEU B 52 1.96 -13.75 -11.83
CA LEU B 52 3.24 -14.51 -11.98
C LEU B 52 3.01 -15.79 -12.77
N ILE B 53 1.93 -16.49 -12.47
CA ILE B 53 1.61 -17.84 -13.03
C ILE B 53 0.18 -17.83 -13.57
N TYR B 54 -0.04 -18.47 -14.70
CA TYR B 54 -1.40 -18.69 -15.24
C TYR B 54 -1.60 -20.14 -15.63
N GLN B 55 -2.85 -20.58 -15.59
CA GLN B 55 -3.24 -21.97 -15.95
C GLN B 55 -2.30 -22.94 -15.25
N VAL B 56 -2.21 -22.75 -13.94
CA VAL B 56 -1.59 -23.68 -12.94
C VAL B 56 -0.06 -23.51 -12.94
N SER B 57 0.59 -23.56 -14.10
CA SER B 57 2.05 -23.81 -14.17
C SER B 57 2.77 -22.89 -15.17
N ASN B 58 2.06 -22.02 -15.91
CA ASN B 58 2.72 -21.23 -16.97
C ASN B 58 3.24 -19.92 -16.36
N ARG B 59 4.54 -19.64 -16.50
CA ARG B 59 5.12 -18.38 -16.01
C ARG B 59 4.80 -17.28 -17.00
N ASP B 60 4.36 -16.14 -16.49
CA ASP B 60 4.22 -14.91 -17.31
C ASP B 60 5.60 -14.44 -17.78
N SER B 61 5.63 -13.74 -18.90
N SER B 61 5.61 -13.75 -18.91
CA SER B 61 6.84 -13.13 -19.49
CA SER B 61 6.77 -13.03 -19.49
C SER B 61 7.49 -12.21 -18.46
C SER B 61 7.47 -12.23 -18.38
N GLY B 62 8.79 -12.35 -18.26
CA GLY B 62 9.60 -11.52 -17.36
C GLY B 62 9.62 -12.04 -15.92
N VAL B 63 8.81 -13.06 -15.61
CA VAL B 63 8.74 -13.62 -14.24
C VAL B 63 9.98 -14.51 -14.05
N PRO B 64 10.74 -14.29 -12.95
CA PRO B 64 11.91 -15.12 -12.66
C PRO B 64 11.59 -16.61 -12.63
N ASP B 65 12.55 -17.42 -13.07
N ASP B 65 12.55 -17.42 -13.09
CA ASP B 65 12.49 -18.90 -13.16
CA ASP B 65 12.47 -18.91 -13.16
C ASP B 65 12.27 -19.52 -11.78
C ASP B 65 12.23 -19.50 -11.77
N ARG B 66 12.61 -18.80 -10.69
CA ARG B 66 12.45 -19.33 -9.31
C ARG B 66 10.98 -19.51 -8.94
N PHE B 67 10.06 -18.90 -9.69
CA PHE B 67 8.61 -19.10 -9.45
C PHE B 67 8.11 -20.25 -10.31
N SER B 68 7.37 -21.17 -9.69
CA SER B 68 6.72 -22.28 -10.40
C SER B 68 5.39 -22.61 -9.76
N GLY B 69 4.48 -23.18 -10.53
CA GLY B 69 3.16 -23.58 -10.04
C GLY B 69 2.88 -25.02 -10.43
N SER B 70 2.13 -25.70 -9.60
CA SER B 70 1.68 -27.08 -9.86
C SER B 70 0.32 -27.33 -9.21
N GLY B 71 -0.19 -28.51 -9.47
CA GLY B 71 -1.39 -29.02 -8.83
C GLY B 71 -2.43 -29.38 -9.87
N SER B 72 -3.57 -29.81 -9.39
CA SER B 72 -4.67 -30.30 -10.23
C SER B 72 -5.94 -30.40 -9.40
N GLY B 73 -7.07 -30.25 -10.06
CA GLY B 73 -8.38 -30.49 -9.44
C GLY B 73 -8.69 -29.40 -8.44
N THR B 74 -8.52 -29.69 -7.16
CA THR B 74 -8.78 -28.74 -6.05
C THR B 74 -7.53 -28.32 -5.29
N ASP B 75 -6.36 -28.88 -5.60
N ASP B 75 -6.34 -28.78 -5.69
CA ASP B 75 -5.14 -28.62 -4.78
CA ASP B 75 -5.12 -28.72 -4.84
C ASP B 75 -4.05 -28.06 -5.68
C ASP B 75 -3.97 -28.12 -5.64
N PHE B 76 -3.54 -26.89 -5.29
CA PHE B 76 -2.51 -26.15 -6.07
C PHE B 76 -1.43 -25.64 -5.13
N THR B 77 -0.25 -25.47 -5.71
CA THR B 77 0.95 -25.03 -4.98
C THR B 77 1.73 -24.03 -5.82
N LEU B 78 2.08 -22.91 -5.20
CA LEU B 78 3.10 -21.98 -5.72
C LEU B 78 4.41 -22.27 -5.00
N LYS B 79 5.50 -22.45 -5.74
N LYS B 79 5.49 -22.41 -5.76
CA LYS B 79 6.82 -22.65 -5.12
CA LYS B 79 6.85 -22.67 -5.22
C LYS B 79 7.77 -21.56 -5.59
C LYS B 79 7.77 -21.51 -5.60
N ILE B 80 8.55 -21.05 -4.63
CA ILE B 80 9.68 -20.13 -4.89
C ILE B 80 10.91 -20.94 -4.51
N SER B 81 11.74 -21.25 -5.49
CA SER B 81 12.89 -22.18 -5.31
C SER B 81 13.91 -21.57 -4.32
N ARG B 82 14.12 -20.27 -4.40
N ARG B 82 14.11 -20.27 -4.36
CA ARG B 82 15.08 -19.50 -3.56
CA ARG B 82 15.05 -19.55 -3.46
C ARG B 82 14.51 -18.09 -3.35
C ARG B 82 14.58 -18.11 -3.32
N VAL B 83 14.04 -17.77 -2.15
CA VAL B 83 13.38 -16.46 -1.89
C VAL B 83 14.43 -15.35 -1.92
N GLU B 84 14.19 -14.33 -2.75
N GLU B 84 14.18 -14.34 -2.76
CA GLU B 84 15.02 -13.10 -2.84
CA GLU B 84 14.99 -13.10 -2.86
C GLU B 84 14.26 -11.95 -2.17
C GLU B 84 14.26 -11.96 -2.15
N ALA B 85 14.97 -10.87 -1.84
CA ALA B 85 14.41 -9.72 -1.10
C ALA B 85 13.16 -9.19 -1.80
N GLU B 86 13.16 -9.14 -3.14
N GLU B 86 13.18 -9.16 -3.13
CA GLU B 86 12.06 -8.52 -3.91
CA GLU B 86 12.10 -8.56 -3.96
C GLU B 86 10.81 -9.41 -3.84
C GLU B 86 10.85 -9.45 -3.93
N ASP B 87 10.91 -10.63 -3.29
CA ASP B 87 9.76 -11.57 -3.23
C ASP B 87 8.84 -11.28 -2.04
N VAL B 88 9.18 -10.31 -1.19
N VAL B 88 9.20 -10.34 -1.17
CA VAL B 88 8.34 -9.94 -0.01
CA VAL B 88 8.30 -9.98 -0.03
C VAL B 88 7.02 -9.34 -0.53
C VAL B 88 7.00 -9.46 -0.62
N GLY B 89 5.91 -9.64 0.14
CA GLY B 89 4.59 -9.16 -0.25
C GLY B 89 3.54 -10.21 0.01
N VAL B 90 2.38 -10.03 -0.59
CA VAL B 90 1.25 -10.97 -0.35
C VAL B 90 0.97 -11.65 -1.68
N TYR B 91 0.82 -12.96 -1.62
CA TYR B 91 0.58 -13.82 -2.80
C TYR B 91 -0.85 -14.30 -2.74
N TYR B 92 -1.53 -14.23 -3.89
CA TYR B 92 -2.93 -14.65 -4.00
C TYR B 92 -3.05 -15.67 -5.10
N CYS B 93 -3.75 -16.75 -4.82
CA CYS B 93 -4.29 -17.57 -5.90
C CYS B 93 -5.61 -16.97 -6.38
N MET B 94 -5.88 -17.16 -7.66
N MET B 94 -5.94 -17.27 -7.62
CA MET B 94 -7.15 -16.73 -8.30
CA MET B 94 -7.16 -16.76 -8.25
C MET B 94 -7.65 -17.82 -9.23
C MET B 94 -7.65 -17.84 -9.21
N GLN B 95 -8.95 -18.11 -9.19
CA GLN B 95 -9.57 -19.04 -10.16
C GLN B 95 -10.47 -18.22 -11.09
N GLY B 96 -10.41 -18.53 -12.38
CA GLY B 96 -11.32 -17.99 -13.41
C GLY B 96 -12.14 -19.08 -14.07
N SER B 97 -12.08 -20.31 -13.57
CA SER B 97 -12.76 -21.48 -14.19
C SER B 97 -14.27 -21.34 -14.05
N HIS B 98 -14.73 -20.88 -12.90
CA HIS B 98 -16.17 -20.87 -12.54
C HIS B 98 -16.51 -19.48 -12.04
N TRP B 99 -17.06 -18.65 -12.92
CA TRP B 99 -17.27 -17.23 -12.61
C TRP B 99 -18.22 -17.12 -11.42
N PRO B 100 -18.15 -16.02 -10.64
CA PRO B 100 -17.18 -14.96 -10.83
C PRO B 100 -15.77 -15.41 -10.46
N PRO B 101 -14.72 -14.82 -11.06
CA PRO B 101 -13.37 -15.13 -10.64
C PRO B 101 -13.23 -14.77 -9.15
N THR B 102 -12.56 -15.64 -8.39
CA THR B 102 -12.41 -15.44 -6.95
C THR B 102 -10.94 -15.65 -6.58
N PHE B 103 -10.58 -15.08 -5.45
CA PHE B 103 -9.18 -15.01 -4.96
C PHE B 103 -9.12 -15.66 -3.60
N GLY B 104 -7.98 -16.25 -3.28
CA GLY B 104 -7.70 -16.66 -1.90
C GLY B 104 -7.48 -15.46 -1.01
N GLN B 105 -7.30 -15.70 0.29
CA GLN B 105 -7.25 -14.60 1.28
C GLN B 105 -5.89 -13.90 1.23
N GLY B 106 -4.88 -14.48 0.57
CA GLY B 106 -3.52 -13.93 0.58
C GLY B 106 -2.61 -14.58 1.61
N THR B 107 -1.39 -14.85 1.19
CA THR B 107 -0.31 -15.35 2.07
C THR B 107 0.79 -14.30 2.10
N LYS B 108 1.10 -13.79 3.28
CA LYS B 108 2.13 -12.75 3.44
C LYS B 108 3.49 -13.42 3.62
N VAL B 109 4.37 -13.23 2.64
CA VAL B 109 5.77 -13.71 2.68
C VAL B 109 6.61 -12.64 3.39
N GLU B 110 7.24 -13.05 4.49
CA GLU B 110 8.11 -12.23 5.35
C GLU B 110 9.51 -12.84 5.27
N ILE B 111 10.53 -12.02 5.05
CA ILE B 111 11.94 -12.47 4.91
C ILE B 111 12.59 -12.46 6.29
N LYS B 112 13.26 -13.55 6.61
CA LYS B 112 14.15 -13.63 7.78
C LYS B 112 15.55 -13.31 7.28
N ARG B 113 16.14 -12.25 7.81
CA ARG B 113 17.47 -11.79 7.39
C ARG B 113 18.32 -11.63 8.65
N THR B 114 19.52 -11.11 8.48
CA THR B 114 20.44 -10.91 9.62
C THR B 114 19.95 -9.74 10.48
N VAL B 115 20.33 -9.78 11.75
CA VAL B 115 20.01 -8.68 12.70
C VAL B 115 20.65 -7.40 12.17
N ALA B 116 19.88 -6.31 12.21
CA ALA B 116 20.34 -4.96 11.85
C ALA B 116 19.79 -3.99 12.90
N ALA B 117 20.67 -3.31 13.61
CA ALA B 117 20.29 -2.28 14.59
C ALA B 117 19.68 -1.09 13.87
N PRO B 118 18.66 -0.44 14.45
CA PRO B 118 18.14 0.77 13.85
C PRO B 118 19.13 1.92 14.00
N SER B 119 19.13 2.83 13.01
N SER B 119 19.09 2.85 13.03
CA SER B 119 19.58 4.22 13.18
CA SER B 119 19.62 4.24 13.18
C SER B 119 18.43 4.98 13.83
C SER B 119 18.49 5.13 13.68
N VAL B 120 18.73 5.86 14.77
CA VAL B 120 17.69 6.56 15.57
C VAL B 120 17.84 8.05 15.30
N PHE B 121 16.72 8.69 14.95
CA PHE B 121 16.66 10.12 14.58
C PHE B 121 15.48 10.76 15.33
N ILE B 122 15.66 11.99 15.77
CA ILE B 122 14.56 12.74 16.41
C ILE B 122 14.36 14.09 15.71
N PHE B 123 13.10 14.51 15.65
CA PHE B 123 12.68 15.75 14.99
C PHE B 123 11.83 16.57 15.95
N PRO B 124 12.23 17.81 16.23
CA PRO B 124 11.39 18.71 17.01
C PRO B 124 10.18 19.12 16.19
N PRO B 125 9.13 19.66 16.85
CA PRO B 125 8.01 20.25 16.13
C PRO B 125 8.47 21.46 15.33
N SER B 126 7.78 21.73 14.23
CA SER B 126 7.97 22.95 13.39
C SER B 126 7.34 24.17 14.07
N ASP B 127 7.91 25.35 13.84
CA ASP B 127 7.31 26.62 14.31
C ASP B 127 5.90 26.73 13.69
N GLU B 128 5.74 26.31 12.45
CA GLU B 128 4.43 26.40 11.75
C GLU B 128 3.39 25.60 12.56
N GLN B 129 3.71 24.40 13.00
CA GLN B 129 2.73 23.59 13.76
C GLN B 129 2.44 24.27 15.10
N LEU B 130 3.47 24.80 15.76
CA LEU B 130 3.28 25.42 17.10
C LEU B 130 2.31 26.60 17.01
N LYS B 131 2.30 27.34 15.90
N LYS B 131 2.32 27.33 15.90
CA LYS B 131 1.38 28.49 15.68
CA LYS B 131 1.40 28.47 15.61
C LYS B 131 -0.08 28.00 15.66
C LYS B 131 -0.06 28.00 15.64
N SER B 132 -0.31 26.73 15.33
CA SER B 132 -1.66 26.09 15.30
C SER B 132 -2.03 25.50 16.67
N GLY B 133 -1.11 25.52 17.66
CA GLY B 133 -1.42 25.19 19.05
C GLY B 133 -1.05 23.76 19.44
N THR B 134 -0.35 23.02 18.58
CA THR B 134 0.00 21.60 18.83
C THR B 134 1.49 21.40 18.55
N ALA B 135 2.10 20.45 19.23
CA ALA B 135 3.50 20.04 19.00
C ALA B 135 3.54 18.54 18.77
N SER B 136 3.97 18.11 17.59
CA SER B 136 4.29 16.70 17.28
C SER B 136 5.80 16.55 17.31
N VAL B 137 6.28 15.62 18.13
CA VAL B 137 7.71 15.24 18.19
C VAL B 137 7.80 13.86 17.56
N VAL B 138 8.72 13.67 16.61
CA VAL B 138 8.82 12.39 15.86
C VAL B 138 10.18 11.75 16.12
N CYS B 139 10.12 10.46 16.41
CA CYS B 139 11.31 9.59 16.54
C CYS B 139 11.24 8.58 15.39
N LEU B 140 12.33 8.45 14.63
CA LEU B 140 12.45 7.51 13.50
C LEU B 140 13.48 6.43 13.85
N LEU B 141 13.10 5.17 13.73
CA LEU B 141 14.03 4.01 13.79
C LEU B 141 14.13 3.50 12.35
N ASN B 142 15.30 3.63 11.75
CA ASN B 142 15.46 3.34 10.31
C ASN B 142 16.19 2.01 10.07
N ASN B 143 15.61 1.20 9.18
CA ASN B 143 16.28 0.08 8.47
C ASN B 143 16.81 -0.92 9.50
N PHE B 144 15.92 -1.51 10.30
CA PHE B 144 16.30 -2.47 11.36
C PHE B 144 15.64 -3.83 11.11
N TYR B 145 16.19 -4.85 11.77
CA TYR B 145 15.64 -6.22 11.73
C TYR B 145 16.14 -6.93 12.98
N PRO B 146 15.30 -7.69 13.73
CA PRO B 146 13.88 -7.94 13.43
C PRO B 146 12.94 -6.78 13.81
N ARG B 147 11.65 -6.99 13.57
CA ARG B 147 10.59 -5.94 13.66
C ARG B 147 10.46 -5.48 15.11
N GLU B 148 10.74 -6.33 16.09
CA GLU B 148 10.48 -6.05 17.52
C GLU B 148 11.42 -4.95 18.00
N ALA B 149 10.85 -3.85 18.51
CA ALA B 149 11.60 -2.70 19.03
C ALA B 149 10.75 -2.03 20.11
N LYS B 150 11.41 -1.41 21.09
CA LYS B 150 10.72 -0.67 22.17
C LYS B 150 11.14 0.80 22.03
N VAL B 151 10.16 1.69 21.96
CA VAL B 151 10.40 3.15 21.90
C VAL B 151 9.70 3.73 23.12
N GLN B 152 10.44 4.47 23.93
CA GLN B 152 9.89 5.17 25.11
C GLN B 152 10.23 6.66 24.95
N TRP B 153 9.24 7.48 25.22
CA TRP B 153 9.38 8.96 25.23
C TRP B 153 9.64 9.41 26.67
N LYS B 154 10.61 10.30 26.83
CA LYS B 154 10.88 10.99 28.11
C LYS B 154 10.84 12.50 27.87
N VAL B 155 10.10 13.20 28.69
CA VAL B 155 10.03 14.68 28.67
C VAL B 155 10.57 15.15 30.02
N ASP B 156 11.72 15.82 30.02
CA ASP B 156 12.40 16.22 31.27
C ASP B 156 12.49 14.98 32.18
N ASN B 157 12.85 13.83 31.61
CA ASN B 157 13.10 12.55 32.31
C ASN B 157 11.79 11.90 32.78
N ALA B 158 10.63 12.44 32.41
CA ALA B 158 9.31 11.89 32.76
C ALA B 158 8.91 10.88 31.68
N LEU B 159 8.79 9.59 32.02
CA LEU B 159 8.33 8.57 31.05
C LEU B 159 6.89 8.89 30.65
N GLN B 160 6.62 9.01 29.35
CA GLN B 160 5.29 9.34 28.81
C GLN B 160 4.49 8.04 28.61
N SER B 161 3.18 8.13 28.72
CA SER B 161 2.24 7.02 28.43
C SER B 161 0.97 7.60 27.80
N GLY B 162 0.50 7.01 26.70
CA GLY B 162 -0.85 7.24 26.15
C GLY B 162 -0.96 8.51 25.33
N ASN B 163 0.18 9.09 24.92
CA ASN B 163 0.23 10.34 24.11
C ASN B 163 1.17 10.14 22.92
N SER B 164 1.43 8.89 22.53
CA SER B 164 2.24 8.59 21.32
C SER B 164 1.57 7.47 20.50
N GLN B 165 1.88 7.48 19.21
CA GLN B 165 1.42 6.42 18.27
C GLN B 165 2.61 6.03 17.40
N GLU B 166 2.65 4.75 17.04
CA GLU B 166 3.72 4.16 16.21
C GLU B 166 3.11 3.68 14.90
N SER B 167 3.93 3.72 13.87
CA SER B 167 3.66 3.14 12.54
C SER B 167 4.93 2.40 12.09
N VAL B 168 4.76 1.23 11.50
CA VAL B 168 5.91 0.42 11.01
C VAL B 168 5.70 0.18 9.53
N THR B 169 6.74 0.38 8.72
CA THR B 169 6.66 0.08 7.28
C THR B 169 6.51 -1.43 7.06
N GLU B 170 6.02 -1.79 5.89
CA GLU B 170 6.15 -3.18 5.41
C GLU B 170 7.64 -3.41 5.12
N GLN B 171 8.03 -4.66 5.11
CA GLN B 171 9.43 -5.04 4.91
C GLN B 171 9.92 -4.51 3.56
N ASP B 172 11.10 -3.88 3.55
CA ASP B 172 11.74 -3.28 2.36
C ASP B 172 12.06 -4.36 1.33
N SER B 173 11.77 -4.10 0.05
N SER B 173 11.77 -4.07 0.05
CA SER B 173 11.95 -5.09 -1.04
CA SER B 173 11.94 -5.00 -1.09
C SER B 173 13.40 -5.18 -1.50
C SER B 173 13.41 -5.20 -1.47
N LYS B 174 14.30 -4.33 -0.99
CA LYS B 174 15.75 -4.36 -1.34
C LYS B 174 16.55 -4.94 -0.17
N ASP B 175 16.34 -4.48 1.06
CA ASP B 175 17.25 -4.86 2.17
C ASP B 175 16.49 -5.63 3.27
N SER B 176 15.19 -5.90 3.09
CA SER B 176 14.38 -6.75 3.99
C SER B 176 14.33 -6.19 5.42
N THR B 177 14.54 -4.88 5.59
CA THR B 177 14.43 -4.21 6.90
C THR B 177 13.06 -3.58 7.11
N TYR B 178 12.81 -3.19 8.34
CA TYR B 178 11.66 -2.38 8.76
C TYR B 178 12.14 -0.99 9.17
N SER B 179 11.21 -0.04 9.10
CA SER B 179 11.41 1.28 9.74
C SER B 179 10.18 1.59 10.59
N LEU B 180 10.36 2.41 11.62
CA LEU B 180 9.31 2.69 12.62
C LEU B 180 9.33 4.19 12.90
N SER B 181 8.14 4.80 12.87
N SER B 181 8.14 4.80 12.99
CA SER B 181 7.94 6.17 13.36
CA SER B 181 7.95 6.25 13.28
C SER B 181 7.20 6.08 14.70
C SER B 181 7.06 6.37 14.52
N SER B 182 7.58 6.95 15.62
CA SER B 182 6.82 7.18 16.87
C SER B 182 6.55 8.68 16.94
N THR B 183 5.29 9.06 17.08
CA THR B 183 4.89 10.48 17.15
C THR B 183 4.33 10.75 18.54
N LEU B 184 4.98 11.67 19.28
CA LEU B 184 4.49 12.17 20.57
C LEU B 184 3.69 13.45 20.30
N THR B 185 2.46 13.52 20.77
CA THR B 185 1.62 14.73 20.54
C THR B 185 1.38 15.43 21.87
N LEU B 186 1.75 16.71 21.94
CA LEU B 186 1.51 17.59 23.11
C LEU B 186 0.76 18.85 22.65
N SER B 187 0.07 19.49 23.57
CA SER B 187 -0.38 20.89 23.38
C SER B 187 0.85 21.79 23.31
N LYS B 188 0.73 22.94 22.64
CA LYS B 188 1.78 23.97 22.63
C LYS B 188 2.16 24.30 24.07
N ALA B 189 1.17 24.39 24.96
CA ALA B 189 1.37 24.77 26.37
C ALA B 189 2.31 23.76 27.05
N ASP B 190 1.99 22.47 26.94
CA ASP B 190 2.76 21.39 27.60
C ASP B 190 4.14 21.35 26.97
N TYR B 191 4.24 21.53 25.65
CA TYR B 191 5.54 21.48 24.94
C TYR B 191 6.46 22.58 25.51
N GLU B 192 5.93 23.78 25.67
CA GLU B 192 6.75 24.97 26.04
C GLU B 192 6.98 25.03 27.56
N LYS B 193 6.45 24.06 28.32
CA LYS B 193 6.65 23.94 29.80
C LYS B 193 7.87 23.04 30.08
N HIS B 194 8.44 22.40 29.07
CA HIS B 194 9.51 21.39 29.29
C HIS B 194 10.67 21.65 28.34
N LYS B 195 11.84 21.12 28.67
CA LYS B 195 13.11 21.44 27.97
C LYS B 195 13.56 20.22 27.15
N VAL B 196 13.74 19.07 27.79
CA VAL B 196 14.46 17.93 27.17
C VAL B 196 13.44 16.93 26.64
N TYR B 197 13.51 16.66 25.34
CA TYR B 197 12.62 15.71 24.63
C TYR B 197 13.51 14.56 24.16
N ALA B 198 13.20 13.35 24.60
CA ALA B 198 14.07 12.19 24.34
C ALA B 198 13.24 10.99 23.91
N CYS B 199 13.79 10.31 22.91
CA CYS B 199 13.38 9.00 22.36
C CYS B 199 14.39 7.95 22.83
N GLU B 200 13.95 6.94 23.59
CA GLU B 200 14.85 5.84 24.06
C GLU B 200 14.42 4.56 23.35
N VAL B 201 15.36 3.96 22.66
CA VAL B 201 15.13 2.78 21.78
C VAL B 201 15.85 1.55 22.31
N THR B 202 15.12 0.44 22.42
CA THR B 202 15.64 -0.89 22.76
C THR B 202 15.41 -1.80 21.55
N HIS B 203 16.46 -2.49 21.13
CA HIS B 203 16.42 -3.42 19.98
C HIS B 203 17.54 -4.45 20.16
N GLN B 204 17.29 -5.69 19.72
CA GLN B 204 18.25 -6.84 19.79
C GLN B 204 19.63 -6.41 19.25
N GLY B 205 19.66 -5.61 18.20
CA GLY B 205 20.88 -5.21 17.47
C GLY B 205 21.68 -4.14 18.20
N LEU B 206 21.11 -3.54 19.25
CA LEU B 206 21.78 -2.47 20.03
C LEU B 206 22.38 -3.10 21.29
N SER B 207 23.64 -2.77 21.59
CA SER B 207 24.34 -3.34 22.75
C SER B 207 23.81 -2.74 24.07
N SER B 208 23.14 -1.58 24.01
CA SER B 208 22.46 -0.95 25.16
C SER B 208 21.41 0.02 24.61
N PRO B 209 20.41 0.45 25.41
CA PRO B 209 19.36 1.33 24.87
C PRO B 209 20.00 2.63 24.36
N VAL B 210 19.53 3.10 23.21
CA VAL B 210 20.01 4.33 22.53
C VAL B 210 19.02 5.46 22.80
N THR B 211 19.51 6.61 23.24
CA THR B 211 18.70 7.82 23.44
C THR B 211 19.08 8.86 22.38
N LYS B 212 18.09 9.40 21.68
CA LYS B 212 18.25 10.64 20.85
C LYS B 212 17.37 11.69 21.53
N SER B 213 17.92 12.86 21.78
CA SER B 213 17.19 13.93 22.51
C SER B 213 17.57 15.30 21.96
N PHE B 214 16.72 16.28 22.23
CA PHE B 214 17.01 17.70 21.96
C PHE B 214 16.45 18.53 23.11
N ASN B 215 17.00 19.73 23.23
CA ASN B 215 16.54 20.78 24.18
C ASN B 215 15.71 21.77 23.38
N ARG B 216 14.44 21.98 23.77
CA ARG B 216 13.54 22.94 23.10
C ARG B 216 14.23 24.31 23.13
N GLY B 217 14.25 25.03 22.02
CA GLY B 217 14.83 26.39 21.97
C GLY B 217 16.26 26.39 21.47
N GLU B 218 17.02 25.32 21.73
CA GLU B 218 18.30 25.06 20.99
C GLU B 218 17.95 24.69 19.54
N CYS B 219 16.90 23.88 19.35
CA CYS B 219 16.38 23.44 18.02
C CYS B 219 15.03 24.12 17.77
#